data_6NQY
#
_entry.id   6NQY
#
_cell.length_a   82.321
_cell.length_b   99.586
_cell.length_c   106.686
_cell.angle_alpha   90.000
_cell.angle_beta   91.950
_cell.angle_gamma   90.000
#
_symmetry.space_group_name_H-M   'C 1 2 1'
#
loop_
_entity.id
_entity.type
_entity.pdbx_description
1 polymer 'Flagellar coiling protein A'
2 non-polymer GLYCEROL
3 non-polymer 'IODIDE ION'
4 non-polymer DI(HYDROXYETHYL)ETHER
5 non-polymer 2-AMINO-2-HYDROXYMETHYL-PROPANE-1,3-DIOL
6 water water
#
_entity_poly.entity_id   1
_entity_poly.type   'polypeptide(L)'
_entity_poly.pdbx_seq_one_letter_code
;GSAKDQVDELLKGELVPENDDAELTEDQKKKKKEIMEQESLWKNPDFKGYNKTFQELHQLSKTFANNQFRLALSNYQSGV
NTIMKNRDWVEQYRKEEAEKKRLDEKWYWQKVDRKAREERVVYREKMKAKQDALNYFSKAINHLDEIKNPDLRERPEFKR
LLSDVYRSWIMAEYDLQNLPQTIPILELYIEIDDNEKEYPAHKYLASAYSFEENMIKKTKGPDDMLFKYRYKKNVHLLRA
TELKYGKDSPEYKHIVNVINRDEVISVAQ
;
_entity_poly.pdbx_strand_id   A,B
#
loop_
_chem_comp.id
_chem_comp.type
_chem_comp.name
_chem_comp.formula
GOL non-polymer GLYCEROL 'C3 H8 O3'
IOD non-polymer 'IODIDE ION' 'I -1'
PEG non-polymer DI(HYDROXYETHYL)ETHER 'C4 H10 O3'
TRS non-polymer 2-AMINO-2-HYDROXYMETHYL-PROPANE-1,3-DIOL 'C4 H12 N O3 1'
#
# COMPACT_ATOMS: atom_id res chain seq x y z
N LYS A 33 -26.04 -21.90 17.22
CA LYS A 33 -26.37 -23.20 16.64
C LYS A 33 -25.68 -23.38 15.28
N GLU A 34 -26.40 -23.90 14.25
CA GLU A 34 -25.89 -24.09 12.88
C GLU A 34 -25.63 -22.76 12.15
N ILE A 35 -25.82 -21.62 12.85
CA ILE A 35 -25.54 -20.26 12.37
C ILE A 35 -24.01 -20.15 12.13
N MET A 36 -23.20 -20.76 13.03
CA MET A 36 -21.74 -20.83 12.95
C MET A 36 -21.29 -21.57 11.69
N GLU A 37 -21.99 -22.67 11.36
CA GLU A 37 -21.73 -23.48 10.16
C GLU A 37 -22.09 -22.68 8.89
N GLN A 38 -23.22 -21.90 8.94
CA GLN A 38 -23.71 -21.03 7.86
C GLN A 38 -22.64 -19.97 7.57
N GLU A 39 -22.18 -19.27 8.62
CA GLU A 39 -21.16 -18.24 8.55
C GLU A 39 -19.83 -18.79 8.01
N SER A 40 -19.49 -20.05 8.38
CA SER A 40 -18.24 -20.71 7.97
C SER A 40 -18.20 -20.99 6.48
N LEU A 41 -19.36 -21.28 5.87
CA LEU A 41 -19.42 -21.52 4.43
C LEU A 41 -19.16 -20.25 3.62
N TRP A 42 -19.61 -19.09 4.17
CA TRP A 42 -19.60 -17.80 3.53
C TRP A 42 -18.36 -16.93 3.81
N LYS A 43 -17.23 -17.35 3.22
CA LYS A 43 -15.89 -16.73 3.29
C LYS A 43 -14.94 -17.27 2.20
N ASN A 44 -13.75 -16.66 2.07
CA ASN A 44 -12.68 -17.13 1.18
C ASN A 44 -12.26 -18.51 1.68
N PRO A 45 -11.91 -19.45 0.77
CA PRO A 45 -11.59 -20.79 1.24
C PRO A 45 -10.34 -20.87 2.10
N ASP A 46 -10.41 -21.71 3.13
CA ASP A 46 -9.30 -22.04 4.01
C ASP A 46 -9.10 -23.57 3.95
N PHE A 47 -8.04 -24.10 4.55
CA PHE A 47 -7.80 -25.54 4.45
C PHE A 47 -8.80 -26.38 5.25
N LYS A 48 -9.38 -25.85 6.35
CA LYS A 48 -10.40 -26.55 7.17
C LYS A 48 -11.63 -26.88 6.29
N GLY A 49 -12.08 -25.83 5.61
CA GLY A 49 -13.23 -25.83 4.72
C GLY A 49 -13.00 -26.66 3.49
N TYR A 50 -11.83 -26.50 2.85
CA TYR A 50 -11.44 -27.25 1.66
C TYR A 50 -11.52 -28.76 1.91
N ASN A 51 -10.88 -29.23 3.01
CA ASN A 51 -10.81 -30.63 3.43
C ASN A 51 -12.19 -31.22 3.64
N LYS A 52 -13.06 -30.50 4.35
CA LYS A 52 -14.42 -30.92 4.67
C LYS A 52 -15.27 -30.98 3.40
N THR A 53 -15.27 -29.90 2.62
CA THR A 53 -16.03 -29.77 1.38
C THR A 53 -15.71 -30.88 0.40
N PHE A 54 -14.42 -31.07 0.07
CA PHE A 54 -14.06 -32.03 -0.97
C PHE A 54 -14.16 -33.47 -0.50
N GLN A 55 -14.00 -33.74 0.82
CA GLN A 55 -14.20 -35.11 1.34
C GLN A 55 -15.67 -35.48 1.15
N GLU A 56 -16.58 -34.57 1.55
CA GLU A 56 -18.02 -34.75 1.46
C GLU A 56 -18.47 -34.87 0.01
N LEU A 57 -17.99 -33.97 -0.88
CA LEU A 57 -18.35 -33.97 -2.30
C LEU A 57 -17.88 -35.21 -3.04
N HIS A 58 -16.69 -35.74 -2.69
CA HIS A 58 -16.18 -36.96 -3.32
C HIS A 58 -16.97 -38.18 -2.92
N GLN A 59 -17.47 -38.19 -1.67
CA GLN A 59 -18.34 -39.24 -1.15
C GLN A 59 -19.70 -39.22 -1.89
N LEU A 60 -20.27 -38.00 -2.14
CA LEU A 60 -21.53 -37.78 -2.88
C LEU A 60 -21.40 -38.18 -4.34
N SER A 61 -20.23 -37.94 -4.94
CA SER A 61 -19.90 -38.30 -6.32
C SER A 61 -20.03 -39.83 -6.50
N LYS A 62 -19.51 -40.60 -5.52
CA LYS A 62 -19.56 -42.06 -5.52
C LYS A 62 -21.00 -42.56 -5.49
N THR A 63 -21.85 -41.96 -4.61
CA THR A 63 -23.27 -42.31 -4.48
C THR A 63 -24.08 -41.87 -5.70
N PHE A 64 -23.72 -40.73 -6.31
CA PHE A 64 -24.42 -40.21 -7.48
C PHE A 64 -24.06 -41.00 -8.73
N ALA A 65 -22.77 -41.40 -8.89
CA ALA A 65 -22.27 -42.21 -10.02
C ALA A 65 -22.78 -41.67 -11.39
N ASN A 66 -22.50 -40.39 -11.62
CA ASN A 66 -22.87 -39.69 -12.84
C ASN A 66 -21.61 -39.02 -13.41
N ASN A 67 -21.31 -39.26 -14.70
CA ASN A 67 -20.12 -38.70 -15.37
C ASN A 67 -20.10 -37.18 -15.42
N GLN A 68 -21.24 -36.54 -15.73
CA GLN A 68 -21.31 -35.09 -15.78
C GLN A 68 -21.10 -34.46 -14.39
N PHE A 69 -21.59 -35.12 -13.31
CA PHE A 69 -21.39 -34.69 -11.93
C PHE A 69 -19.90 -34.78 -11.57
N ARG A 70 -19.26 -35.87 -11.99
CA ARG A 70 -17.83 -36.16 -11.81
C ARG A 70 -17.00 -35.01 -12.43
N LEU A 71 -17.33 -34.62 -13.68
CA LEU A 71 -16.66 -33.55 -14.41
C LEU A 71 -16.93 -32.18 -13.83
N ALA A 72 -18.14 -31.94 -13.31
CA ALA A 72 -18.50 -30.70 -12.66
C ALA A 72 -17.69 -30.57 -11.39
N LEU A 73 -17.55 -31.67 -10.61
CA LEU A 73 -16.79 -31.71 -9.36
C LEU A 73 -15.31 -31.46 -9.61
N SER A 74 -14.78 -32.01 -10.69
CA SER A 74 -13.39 -31.88 -11.09
C SER A 74 -13.09 -30.43 -11.38
N ASN A 75 -13.98 -29.75 -12.13
CA ASN A 75 -13.86 -28.32 -12.45
C ASN A 75 -14.02 -27.43 -11.22
N TYR A 76 -14.99 -27.75 -10.36
CA TYR A 76 -15.17 -27.01 -9.12
C TYR A 76 -13.92 -27.07 -8.25
N GLN A 77 -13.34 -28.27 -8.05
CA GLN A 77 -12.12 -28.45 -7.26
C GLN A 77 -10.93 -27.68 -7.82
N SER A 78 -10.73 -27.70 -9.16
CA SER A 78 -9.70 -26.93 -9.88
C SER A 78 -9.85 -25.45 -9.62
N GLY A 79 -11.10 -24.94 -9.58
CA GLY A 79 -11.41 -23.54 -9.30
C GLY A 79 -11.04 -23.15 -7.88
N VAL A 80 -11.41 -23.98 -6.89
CA VAL A 80 -11.06 -23.73 -5.49
C VAL A 80 -9.51 -23.83 -5.31
N ASN A 81 -8.86 -24.82 -5.97
CA ASN A 81 -7.41 -24.98 -5.97
C ASN A 81 -6.72 -23.74 -6.46
N THR A 82 -7.23 -23.13 -7.56
CA THR A 82 -6.70 -21.90 -8.14
C THR A 82 -6.67 -20.83 -7.05
N ILE A 83 -7.78 -20.65 -6.32
CA ILE A 83 -7.92 -19.69 -5.23
C ILE A 83 -6.96 -20.01 -4.08
N MET A 84 -6.93 -21.27 -3.58
CA MET A 84 -6.06 -21.77 -2.50
C MET A 84 -4.57 -21.56 -2.80
N LYS A 85 -4.16 -21.86 -4.04
CA LYS A 85 -2.78 -21.72 -4.50
C LYS A 85 -2.42 -20.28 -4.46
N ASN A 86 -3.28 -19.42 -4.99
CA ASN A 86 -3.07 -17.99 -5.02
C ASN A 86 -2.98 -17.39 -3.63
N ARG A 87 -3.92 -17.69 -2.73
CA ARG A 87 -3.92 -17.14 -1.37
C ARG A 87 -2.68 -17.60 -0.61
N ASP A 88 -2.18 -18.81 -0.89
CA ASP A 88 -0.94 -19.32 -0.29
C ASP A 88 0.26 -18.57 -0.90
N TRP A 89 0.28 -18.38 -2.24
CA TRP A 89 1.32 -17.64 -2.97
C TRP A 89 1.44 -16.21 -2.46
N VAL A 90 0.32 -15.51 -2.25
CA VAL A 90 0.31 -14.12 -1.77
C VAL A 90 0.99 -14.04 -0.41
N GLU A 91 0.66 -14.94 0.54
CA GLU A 91 1.25 -14.98 1.88
C GLU A 91 2.74 -15.19 1.79
N GLN A 92 3.17 -16.17 0.99
CA GLN A 92 4.58 -16.49 0.74
C GLN A 92 5.33 -15.32 0.08
N TYR A 93 4.74 -14.67 -0.94
CA TYR A 93 5.35 -13.55 -1.65
C TYR A 93 5.56 -12.36 -0.71
N ARG A 94 4.56 -12.05 0.12
CA ARG A 94 4.60 -10.96 1.08
C ARG A 94 5.69 -11.19 2.13
N LYS A 95 5.82 -12.45 2.64
CA LYS A 95 6.83 -12.89 3.62
C LYS A 95 8.20 -12.70 3.05
N GLU A 96 8.45 -13.17 1.82
CA GLU A 96 9.74 -13.05 1.14
C GLU A 96 10.13 -11.60 0.92
N GLU A 97 9.17 -10.75 0.52
CA GLU A 97 9.40 -9.35 0.26
C GLU A 97 9.67 -8.57 1.55
N ALA A 98 8.99 -8.94 2.63
CA ALA A 98 9.19 -8.29 3.93
C ALA A 98 10.49 -8.73 4.61
N GLU A 99 11.00 -9.96 4.33
CA GLU A 99 12.21 -10.48 4.97
C GLU A 99 13.51 -10.01 4.28
N LYS A 100 13.44 -9.35 3.11
CA LYS A 100 14.64 -8.86 2.40
C LYS A 100 15.24 -7.63 3.08
N LYS A 101 16.59 -7.56 3.10
CA LYS A 101 17.33 -6.49 3.77
C LYS A 101 17.21 -5.09 3.11
N ARG A 102 17.53 -4.95 1.79
CA ARG A 102 17.52 -3.69 1.01
C ARG A 102 18.24 -2.51 1.68
N LEU A 103 19.57 -2.62 1.77
CA LEU A 103 20.42 -1.60 2.37
C LEU A 103 20.46 -0.32 1.51
N ASP A 104 20.09 -0.44 0.22
CA ASP A 104 20.04 0.65 -0.75
C ASP A 104 18.74 1.47 -0.67
N GLU A 105 17.72 0.96 0.08
CA GLU A 105 16.45 1.62 0.32
C GLU A 105 16.64 2.41 1.59
N LYS A 106 16.83 3.71 1.46
CA LYS A 106 17.09 4.58 2.59
C LYS A 106 15.96 5.56 2.84
N TRP A 107 15.12 5.81 1.83
CA TRP A 107 14.13 6.88 1.90
C TRP A 107 12.72 6.43 1.95
N TYR A 108 11.87 7.20 2.64
CA TYR A 108 10.43 6.98 2.76
C TYR A 108 9.81 6.73 1.40
N TRP A 109 10.06 7.60 0.40
CA TRP A 109 9.43 7.47 -0.94
C TRP A 109 9.81 6.17 -1.64
N GLN A 110 11.02 5.64 -1.36
CA GLN A 110 11.47 4.37 -1.95
C GLN A 110 10.67 3.20 -1.45
N LYS A 111 10.42 3.13 -0.10
CA LYS A 111 9.63 2.10 0.56
C LYS A 111 8.18 2.16 0.08
N VAL A 112 7.61 3.37 -0.09
CA VAL A 112 6.23 3.57 -0.61
C VAL A 112 6.14 3.05 -2.03
N ASP A 113 7.09 3.43 -2.93
CA ASP A 113 7.15 2.98 -4.32
C ASP A 113 7.28 1.48 -4.40
N ARG A 114 8.16 0.88 -3.57
CA ARG A 114 8.36 -0.57 -3.53
C ARG A 114 7.09 -1.30 -3.12
N LYS A 115 6.43 -0.83 -2.05
CA LYS A 115 5.17 -1.42 -1.57
C LYS A 115 4.05 -1.30 -2.61
N ALA A 116 4.02 -0.19 -3.37
CA ALA A 116 3.07 0.00 -4.47
C ALA A 116 3.35 -0.99 -5.60
N ARG A 117 4.62 -1.28 -5.93
CA ARG A 117 4.98 -2.30 -6.93
C ARG A 117 4.53 -3.70 -6.48
N GLU A 118 4.80 -4.05 -5.22
CA GLU A 118 4.45 -5.33 -4.62
C GLU A 118 2.94 -5.54 -4.61
N GLU A 119 2.19 -4.48 -4.29
CA GLU A 119 0.74 -4.51 -4.29
C GLU A 119 0.18 -4.71 -5.71
N ARG A 120 0.83 -4.14 -6.75
CA ARG A 120 0.40 -4.35 -8.16
C ARG A 120 0.67 -5.80 -8.59
N VAL A 121 1.78 -6.40 -8.13
CA VAL A 121 2.11 -7.79 -8.45
C VAL A 121 1.04 -8.69 -7.84
N VAL A 122 0.68 -8.45 -6.55
CA VAL A 122 -0.35 -9.17 -5.79
C VAL A 122 -1.71 -9.03 -6.47
N TYR A 123 -2.10 -7.79 -6.84
CA TYR A 123 -3.36 -7.52 -7.52
C TYR A 123 -3.49 -8.24 -8.84
N ARG A 124 -2.42 -8.25 -9.66
CA ARG A 124 -2.41 -8.92 -10.97
C ARG A 124 -2.58 -10.44 -10.85
N GLU A 125 -1.94 -11.03 -9.84
CA GLU A 125 -2.02 -12.45 -9.52
C GLU A 125 -3.40 -12.82 -8.99
N LYS A 126 -4.00 -11.96 -8.14
CA LYS A 126 -5.33 -12.17 -7.56
C LYS A 126 -6.42 -12.12 -8.60
N MET A 127 -6.33 -11.15 -9.54
CA MET A 127 -7.31 -10.98 -10.63
C MET A 127 -7.24 -12.14 -11.59
N LYS A 128 -6.01 -12.58 -11.94
CA LYS A 128 -5.75 -13.71 -12.82
C LYS A 128 -6.31 -14.97 -12.20
N ALA A 129 -6.05 -15.20 -10.89
CA ALA A 129 -6.55 -16.37 -10.18
C ALA A 129 -8.08 -16.38 -10.15
N LYS A 130 -8.72 -15.22 -9.90
CA LYS A 130 -10.18 -15.10 -9.88
C LYS A 130 -10.76 -15.44 -11.26
N GLN A 131 -10.15 -14.89 -12.33
CA GLN A 131 -10.52 -15.08 -13.71
C GLN A 131 -10.51 -16.57 -14.07
N ASP A 132 -9.42 -17.27 -13.75
CA ASP A 132 -9.23 -18.70 -13.96
C ASP A 132 -10.19 -19.52 -13.11
N ALA A 133 -10.38 -19.16 -11.83
CA ALA A 133 -11.31 -19.84 -10.94
C ALA A 133 -12.74 -19.73 -11.47
N LEU A 134 -13.16 -18.53 -11.95
CA LEU A 134 -14.53 -18.37 -12.49
C LEU A 134 -14.70 -19.15 -13.80
N ASN A 135 -13.63 -19.33 -14.60
CA ASN A 135 -13.73 -20.16 -15.80
C ASN A 135 -13.99 -21.61 -15.44
N TYR A 136 -13.31 -22.11 -14.38
CA TYR A 136 -13.55 -23.47 -13.86
C TYR A 136 -14.94 -23.61 -13.25
N PHE A 137 -15.43 -22.57 -12.53
CA PHE A 137 -16.76 -22.60 -11.95
C PHE A 137 -17.85 -22.59 -13.06
N SER A 138 -17.60 -21.82 -14.14
CA SER A 138 -18.47 -21.73 -15.30
C SER A 138 -18.57 -23.11 -15.95
N LYS A 139 -17.42 -23.81 -16.13
CA LYS A 139 -17.38 -25.17 -16.67
C LYS A 139 -18.10 -26.16 -15.74
N ALA A 140 -17.97 -26.00 -14.40
CA ALA A 140 -18.67 -26.88 -13.44
C ALA A 140 -20.17 -26.77 -13.65
N ILE A 141 -20.71 -25.52 -13.66
CA ILE A 141 -22.13 -25.27 -13.87
C ILE A 141 -22.59 -25.81 -15.26
N ASN A 142 -21.77 -25.61 -16.32
CA ASN A 142 -22.05 -26.11 -17.65
C ASN A 142 -22.16 -27.65 -17.67
N HIS A 143 -21.33 -28.39 -16.90
CA HIS A 143 -21.44 -29.86 -16.79
C HIS A 143 -22.72 -30.28 -16.06
N LEU A 144 -23.11 -29.59 -15.00
CA LEU A 144 -24.36 -29.87 -14.31
C LEU A 144 -25.56 -29.54 -15.22
N ASP A 145 -25.40 -28.57 -16.16
CA ASP A 145 -26.41 -28.18 -17.15
C ASP A 145 -26.61 -29.31 -18.18
N GLU A 146 -25.57 -30.13 -18.41
CA GLU A 146 -25.58 -31.28 -19.30
C GLU A 146 -26.36 -32.48 -18.70
N ILE A 147 -26.67 -32.44 -17.37
CA ILE A 147 -27.52 -33.47 -16.72
C ILE A 147 -28.95 -33.03 -17.07
N LYS A 148 -29.54 -33.66 -18.10
CA LYS A 148 -30.85 -33.30 -18.63
C LYS A 148 -32.02 -34.01 -17.95
N ASN A 149 -31.79 -35.19 -17.35
CA ASN A 149 -32.84 -35.93 -16.63
C ASN A 149 -33.36 -35.09 -15.43
N PRO A 150 -34.65 -34.67 -15.42
CA PRO A 150 -35.15 -33.84 -14.31
C PRO A 150 -35.07 -34.49 -12.93
N ASP A 151 -35.12 -35.85 -12.88
CA ASP A 151 -35.04 -36.62 -11.64
C ASP A 151 -33.66 -36.54 -11.05
N LEU A 152 -32.64 -36.54 -11.92
CA LEU A 152 -31.26 -36.40 -11.47
C LEU A 152 -30.96 -34.97 -10.99
N ARG A 153 -31.61 -33.94 -11.61
CA ARG A 153 -31.48 -32.53 -11.26
C ARG A 153 -32.12 -32.17 -9.92
N GLU A 154 -32.97 -33.05 -9.41
CA GLU A 154 -33.67 -32.90 -8.14
C GLU A 154 -32.93 -33.60 -7.02
N ARG A 155 -31.90 -34.39 -7.35
CA ARG A 155 -31.12 -35.14 -6.37
C ARG A 155 -30.40 -34.21 -5.38
N PRO A 156 -30.34 -34.59 -4.09
CA PRO A 156 -29.63 -33.73 -3.10
C PRO A 156 -28.16 -33.47 -3.47
N GLU A 157 -27.48 -34.47 -4.08
CA GLU A 157 -26.07 -34.39 -4.50
C GLU A 157 -25.90 -33.26 -5.51
N PHE A 158 -26.79 -33.23 -6.53
CA PHE A 158 -26.84 -32.22 -7.60
C PHE A 158 -26.97 -30.79 -7.00
N LYS A 159 -28.00 -30.58 -6.15
CA LYS A 159 -28.27 -29.28 -5.51
C LYS A 159 -27.16 -28.83 -4.58
N ARG A 160 -26.48 -29.76 -3.89
CA ARG A 160 -25.36 -29.46 -2.99
C ARG A 160 -24.17 -28.92 -3.80
N LEU A 161 -23.77 -29.61 -4.88
CA LEU A 161 -22.64 -29.16 -5.70
C LEU A 161 -22.92 -27.81 -6.34
N LEU A 162 -24.13 -27.63 -6.88
CA LEU A 162 -24.60 -26.38 -7.49
C LEU A 162 -24.48 -25.22 -6.50
N SER A 163 -24.95 -25.43 -5.26
CA SER A 163 -24.88 -24.46 -4.16
C SER A 163 -23.44 -24.06 -3.83
N ASP A 164 -22.54 -25.04 -3.77
CA ASP A 164 -21.13 -24.86 -3.49
C ASP A 164 -20.44 -24.09 -4.58
N VAL A 165 -20.72 -24.40 -5.85
CA VAL A 165 -20.14 -23.69 -6.99
C VAL A 165 -20.56 -22.21 -7.00
N TYR A 166 -21.87 -21.93 -6.91
CA TYR A 166 -22.41 -20.57 -6.86
C TYR A 166 -21.85 -19.77 -5.68
N ARG A 167 -21.80 -20.38 -4.48
CA ARG A 167 -21.28 -19.72 -3.27
C ARG A 167 -19.81 -19.32 -3.44
N SER A 168 -18.95 -20.23 -3.94
CA SER A 168 -17.52 -19.96 -4.16
C SER A 168 -17.34 -18.84 -5.18
N TRP A 169 -18.18 -18.83 -6.22
CA TRP A 169 -18.18 -17.85 -7.30
C TRP A 169 -18.49 -16.47 -6.71
N ILE A 170 -19.54 -16.38 -5.84
CA ILE A 170 -19.99 -15.14 -5.18
C ILE A 170 -18.85 -14.59 -4.33
N MET A 171 -18.25 -15.45 -3.47
CA MET A 171 -17.12 -15.09 -2.60
C MET A 171 -15.90 -14.62 -3.38
N ALA A 172 -15.55 -15.28 -4.49
CA ALA A 172 -14.41 -14.88 -5.31
C ALA A 172 -14.62 -13.52 -5.98
N GLU A 173 -15.88 -13.18 -6.37
CA GLU A 173 -16.22 -11.87 -6.92
C GLU A 173 -16.22 -10.82 -5.82
N TYR A 174 -16.82 -11.14 -4.67
CA TYR A 174 -16.93 -10.25 -3.51
C TYR A 174 -15.53 -9.80 -3.00
N ASP A 175 -14.59 -10.76 -2.94
CA ASP A 175 -13.19 -10.55 -2.55
C ASP A 175 -12.53 -9.43 -3.36
N LEU A 176 -12.82 -9.34 -4.66
CA LEU A 176 -12.28 -8.30 -5.53
C LEU A 176 -13.21 -7.11 -5.71
N GLN A 177 -14.21 -6.97 -4.85
CA GLN A 177 -15.21 -5.89 -4.85
C GLN A 177 -16.15 -5.87 -6.08
N ASN A 178 -16.28 -6.98 -6.77
CA ASN A 178 -17.19 -7.10 -7.91
C ASN A 178 -18.61 -7.43 -7.41
N LEU A 179 -19.16 -6.54 -6.56
CA LEU A 179 -20.46 -6.70 -5.90
C LEU A 179 -21.64 -6.73 -6.88
N PRO A 180 -21.71 -5.87 -7.93
CA PRO A 180 -22.84 -6.01 -8.88
C PRO A 180 -22.90 -7.37 -9.54
N GLN A 181 -21.75 -7.93 -9.92
CA GLN A 181 -21.61 -9.25 -10.53
C GLN A 181 -22.10 -10.39 -9.64
N THR A 182 -22.11 -10.21 -8.31
CA THR A 182 -22.58 -11.25 -7.39
C THR A 182 -24.11 -11.38 -7.40
N ILE A 183 -24.83 -10.28 -7.76
CA ILE A 183 -26.31 -10.21 -7.75
C ILE A 183 -26.95 -11.34 -8.56
N PRO A 184 -26.68 -11.54 -9.89
CA PRO A 184 -27.34 -12.67 -10.58
C PRO A 184 -26.99 -14.04 -9.99
N ILE A 185 -25.78 -14.19 -9.41
CA ILE A 185 -25.32 -15.47 -8.84
C ILE A 185 -25.99 -15.76 -7.48
N LEU A 186 -26.25 -14.72 -6.70
CA LEU A 186 -26.97 -14.84 -5.42
C LEU A 186 -28.46 -15.13 -5.65
N GLU A 187 -29.03 -14.60 -6.75
CA GLU A 187 -30.42 -14.81 -7.12
C GLU A 187 -30.67 -16.22 -7.60
N LEU A 188 -29.68 -16.82 -8.26
CA LEU A 188 -29.71 -18.21 -8.68
C LEU A 188 -29.55 -19.09 -7.44
N TYR A 189 -28.61 -18.72 -6.55
CA TYR A 189 -28.32 -19.44 -5.32
C TYR A 189 -29.54 -19.62 -4.40
N ILE A 190 -30.26 -18.53 -4.10
CA ILE A 190 -31.41 -18.55 -3.20
C ILE A 190 -32.63 -19.35 -3.78
N GLU A 191 -32.64 -19.62 -5.12
N GLU A 191 -32.67 -19.61 -5.11
CA GLU A 191 -33.67 -20.41 -5.83
CA GLU A 191 -33.78 -20.37 -5.68
C GLU A 191 -33.58 -21.90 -5.45
C GLU A 191 -33.57 -21.91 -5.53
N ILE A 192 -32.37 -22.37 -5.09
CA ILE A 192 -32.07 -23.78 -4.81
C ILE A 192 -32.62 -24.20 -3.45
N ASP A 193 -33.37 -25.33 -3.42
CA ASP A 193 -33.91 -25.98 -2.22
C ASP A 193 -34.44 -24.99 -1.19
N ASP A 194 -33.78 -24.92 -0.01
CA ASP A 194 -34.13 -24.05 1.11
C ASP A 194 -33.04 -23.00 1.33
N ASN A 195 -32.29 -22.66 0.26
CA ASN A 195 -31.21 -21.66 0.32
C ASN A 195 -31.73 -20.26 0.64
N GLU A 196 -33.02 -19.96 0.34
CA GLU A 196 -33.63 -18.67 0.68
C GLU A 196 -33.67 -18.47 2.22
N LYS A 197 -33.67 -19.55 3.01
CA LYS A 197 -33.71 -19.44 4.48
C LYS A 197 -32.34 -19.19 5.13
N GLU A 198 -31.27 -18.98 4.36
CA GLU A 198 -30.01 -18.70 5.01
C GLU A 198 -29.65 -17.22 4.94
N TYR A 199 -29.48 -16.66 6.14
CA TYR A 199 -29.20 -15.26 6.38
C TYR A 199 -27.97 -14.73 5.63
N PRO A 200 -26.82 -15.46 5.45
CA PRO A 200 -25.68 -14.84 4.74
C PRO A 200 -25.98 -14.47 3.27
N ALA A 201 -26.81 -15.28 2.59
CA ALA A 201 -27.21 -15.04 1.20
C ALA A 201 -27.94 -13.68 1.09
N HIS A 202 -28.80 -13.38 2.07
CA HIS A 202 -29.53 -12.13 2.14
C HIS A 202 -28.62 -10.97 2.54
N LYS A 203 -27.64 -11.22 3.42
CA LYS A 203 -26.63 -10.24 3.85
C LYS A 203 -25.77 -9.76 2.65
N TYR A 204 -25.33 -10.68 1.79
CA TYR A 204 -24.52 -10.38 0.61
C TYR A 204 -25.31 -9.71 -0.49
N LEU A 205 -26.59 -10.12 -0.65
CA LEU A 205 -27.50 -9.52 -1.61
C LEU A 205 -27.79 -8.05 -1.22
N ALA A 206 -28.09 -7.80 0.07
CA ALA A 206 -28.32 -6.44 0.61
C ALA A 206 -27.12 -5.52 0.33
N SER A 207 -25.90 -6.03 0.61
CA SER A 207 -24.61 -5.39 0.41
C SER A 207 -24.37 -5.03 -1.07
N ALA A 208 -24.63 -5.98 -1.95
CA ALA A 208 -24.49 -5.82 -3.39
C ALA A 208 -25.49 -4.80 -3.96
N TYR A 209 -26.75 -4.80 -3.47
CA TYR A 209 -27.77 -3.84 -3.89
C TYR A 209 -27.46 -2.44 -3.39
N SER A 210 -26.90 -2.37 -2.19
CA SER A 210 -26.45 -1.12 -1.55
C SER A 210 -25.36 -0.46 -2.38
N PHE A 211 -24.40 -1.26 -2.86
CA PHE A 211 -23.28 -0.85 -3.70
C PHE A 211 -23.84 -0.24 -5.02
N GLU A 212 -24.86 -0.87 -5.62
CA GLU A 212 -25.53 -0.44 -6.84
C GLU A 212 -26.27 0.86 -6.65
N GLU A 213 -26.94 1.00 -5.49
CA GLU A 213 -27.70 2.20 -5.13
C GLU A 213 -26.71 3.37 -4.99
N ASN A 214 -25.57 3.12 -4.29
CA ASN A 214 -24.50 4.10 -4.09
C ASN A 214 -23.80 4.46 -5.39
N MET A 215 -23.67 3.51 -6.32
CA MET A 215 -23.08 3.74 -7.62
C MET A 215 -23.96 4.68 -8.43
N ILE A 216 -25.32 4.55 -8.34
CA ILE A 216 -26.27 5.43 -9.04
C ILE A 216 -26.14 6.86 -8.48
N LYS A 217 -26.18 7.00 -7.12
CA LYS A 217 -26.02 8.27 -6.39
C LYS A 217 -24.69 8.95 -6.76
N LYS A 218 -23.55 8.20 -6.73
CA LYS A 218 -22.17 8.67 -7.03
C LYS A 218 -22.00 9.14 -8.47
N THR A 219 -22.61 8.45 -9.46
CA THR A 219 -22.46 8.76 -10.89
C THR A 219 -23.57 9.67 -11.39
N LYS A 220 -24.54 9.99 -10.52
CA LYS A 220 -25.70 10.85 -10.84
C LYS A 220 -26.43 10.44 -12.17
N GLY A 221 -26.10 9.25 -12.69
CA GLY A 221 -26.62 8.70 -13.93
C GLY A 221 -28.05 8.22 -13.81
N PRO A 222 -28.66 7.66 -14.89
CA PRO A 222 -30.09 7.20 -14.82
C PRO A 222 -30.59 6.73 -13.43
N ASP A 223 -31.35 7.65 -12.76
CA ASP A 223 -31.91 7.59 -11.41
C ASP A 223 -33.22 6.80 -11.32
N ASP A 224 -33.79 6.42 -12.47
CA ASP A 224 -35.06 5.69 -12.51
C ASP A 224 -34.99 4.25 -11.90
N MET A 225 -33.77 3.85 -11.46
CA MET A 225 -33.41 2.56 -10.90
C MET A 225 -33.07 2.65 -9.46
N LEU A 226 -32.87 3.87 -8.97
CA LEU A 226 -32.42 4.14 -7.60
C LEU A 226 -33.32 3.49 -6.53
N PHE A 227 -34.62 3.70 -6.68
CA PHE A 227 -35.63 3.23 -5.76
C PHE A 227 -35.76 1.70 -5.81
N LYS A 228 -35.48 1.12 -6.98
CA LYS A 228 -35.46 -0.33 -7.17
C LYS A 228 -34.28 -0.98 -6.39
N TYR A 229 -33.04 -0.42 -6.50
CA TYR A 229 -31.86 -0.91 -5.76
C TYR A 229 -32.01 -0.72 -4.27
N ARG A 230 -32.54 0.45 -3.86
CA ARG A 230 -32.78 0.75 -2.44
C ARG A 230 -33.81 -0.22 -1.82
N TYR A 231 -34.89 -0.51 -2.59
CA TYR A 231 -35.95 -1.42 -2.15
C TYR A 231 -35.42 -2.83 -1.94
N LYS A 232 -34.69 -3.33 -2.94
CA LYS A 232 -34.10 -4.65 -2.92
C LYS A 232 -33.10 -4.79 -1.80
N LYS A 233 -32.27 -3.74 -1.55
CA LYS A 233 -31.32 -3.70 -0.43
C LYS A 233 -32.08 -3.91 0.89
N ASN A 234 -33.15 -3.13 1.09
CA ASN A 234 -33.98 -3.17 2.29
C ASN A 234 -34.72 -4.49 2.49
N VAL A 235 -35.23 -5.09 1.41
CA VAL A 235 -35.90 -6.39 1.44
C VAL A 235 -34.96 -7.43 1.97
N HIS A 236 -33.72 -7.48 1.44
CA HIS A 236 -32.76 -8.49 1.85
C HIS A 236 -32.15 -8.17 3.23
N LEU A 237 -31.98 -6.89 3.57
CA LEU A 237 -31.51 -6.49 4.90
C LEU A 237 -32.51 -6.94 5.97
N LEU A 238 -33.80 -6.74 5.70
CA LEU A 238 -34.89 -7.12 6.59
C LEU A 238 -35.00 -8.64 6.73
N ARG A 239 -34.88 -9.36 5.61
CA ARG A 239 -34.97 -10.81 5.58
C ARG A 239 -33.79 -11.43 6.31
N ALA A 240 -32.56 -10.88 6.16
CA ALA A 240 -31.35 -11.37 6.84
C ALA A 240 -31.55 -11.28 8.36
N THR A 241 -32.07 -10.13 8.81
CA THR A 241 -32.37 -9.82 10.20
C THR A 241 -33.42 -10.76 10.76
N GLU A 242 -34.52 -10.96 10.03
CA GLU A 242 -35.61 -11.86 10.41
C GLU A 242 -35.08 -13.29 10.58
N LEU A 243 -34.22 -13.73 9.65
CA LEU A 243 -33.64 -15.06 9.60
C LEU A 243 -32.77 -15.42 10.81
N LYS A 244 -31.87 -14.51 11.22
CA LYS A 244 -31.00 -14.83 12.35
C LYS A 244 -31.54 -14.38 13.72
N TYR A 245 -32.34 -13.29 13.79
CA TYR A 245 -32.86 -12.83 15.07
C TYR A 245 -34.33 -13.18 15.34
N GLY A 246 -35.08 -13.49 14.28
CA GLY A 246 -36.50 -13.82 14.39
C GLY A 246 -37.40 -12.60 14.22
N LYS A 247 -38.63 -12.82 13.73
CA LYS A 247 -39.59 -11.75 13.54
C LYS A 247 -40.09 -11.28 14.90
N ASP A 248 -40.29 -9.95 15.04
CA ASP A 248 -40.78 -9.26 16.25
C ASP A 248 -39.77 -9.39 17.43
N SER A 249 -38.46 -9.38 17.10
CA SER A 249 -37.34 -9.40 18.03
C SER A 249 -36.82 -7.94 18.13
N PRO A 250 -35.97 -7.53 19.12
CA PRO A 250 -35.50 -6.12 19.14
C PRO A 250 -34.75 -5.69 17.87
N GLU A 251 -34.03 -6.63 17.24
CA GLU A 251 -33.24 -6.38 16.04
C GLU A 251 -34.11 -6.23 14.78
N TYR A 252 -35.16 -7.07 14.62
CA TYR A 252 -36.10 -6.99 13.48
C TYR A 252 -36.90 -5.67 13.54
N LYS A 253 -37.46 -5.34 14.72
CA LYS A 253 -38.22 -4.11 14.96
C LYS A 253 -37.38 -2.85 14.67
N HIS A 254 -36.09 -2.89 15.02
CA HIS A 254 -35.16 -1.78 14.79
C HIS A 254 -34.98 -1.54 13.29
N ILE A 255 -34.65 -2.60 12.51
CA ILE A 255 -34.43 -2.52 11.06
C ILE A 255 -35.68 -1.97 10.34
N VAL A 256 -36.87 -2.37 10.79
CA VAL A 256 -38.14 -1.88 10.24
C VAL A 256 -38.21 -0.34 10.37
N ASN A 257 -37.81 0.18 11.55
CA ASN A 257 -37.80 1.61 11.88
C ASN A 257 -36.80 2.44 11.02
N VAL A 258 -35.61 1.91 10.73
CA VAL A 258 -34.62 2.57 9.89
C VAL A 258 -35.12 2.68 8.42
N ILE A 259 -35.79 1.61 7.89
CA ILE A 259 -36.36 1.56 6.54
C ILE A 259 -37.48 2.60 6.39
N ASN A 260 -38.34 2.72 7.42
CA ASN A 260 -39.44 3.68 7.45
C ASN A 260 -38.96 5.13 7.59
N ARG A 261 -37.83 5.36 8.31
CA ARG A 261 -37.23 6.69 8.50
C ARG A 261 -36.35 7.07 7.30
N GLU B 34 37.86 7.48 4.10
CA GLU B 34 36.94 8.50 4.60
C GLU B 34 35.66 8.63 3.75
N ILE B 35 35.55 7.79 2.68
CA ILE B 35 34.37 7.69 1.81
C ILE B 35 33.20 7.15 2.66
N MET B 36 33.49 6.18 3.58
CA MET B 36 32.52 5.60 4.51
C MET B 36 31.97 6.67 5.47
N GLU B 37 32.84 7.59 5.93
CA GLU B 37 32.45 8.70 6.81
C GLU B 37 31.56 9.71 6.03
N GLN B 38 31.90 9.96 4.73
CA GLN B 38 31.17 10.84 3.81
C GLN B 38 29.74 10.29 3.62
N GLU B 39 29.65 8.98 3.30
CA GLU B 39 28.39 8.25 3.10
C GLU B 39 27.55 8.26 4.37
N SER B 40 28.19 8.17 5.56
CA SER B 40 27.52 8.12 6.86
C SER B 40 26.84 9.43 7.21
N LEU B 41 27.40 10.56 6.76
CA LEU B 41 26.78 11.87 6.99
C LEU B 41 25.50 12.05 6.17
N TRP B 42 25.49 11.47 4.96
CA TRP B 42 24.44 11.63 3.97
C TRP B 42 23.34 10.54 4.01
N LYS B 43 22.54 10.59 5.06
CA LYS B 43 21.41 9.68 5.35
C LYS B 43 20.47 10.30 6.43
N ASN B 44 19.30 9.65 6.63
CA ASN B 44 18.38 10.03 7.67
C ASN B 44 19.07 9.79 9.02
N PRO B 45 18.84 10.63 10.04
CA PRO B 45 19.57 10.44 11.28
C PRO B 45 19.24 9.15 12.04
N ASP B 46 20.29 8.56 12.63
CA ASP B 46 20.21 7.41 13.49
C ASP B 46 20.78 7.77 14.88
N PHE B 47 20.48 6.97 15.90
CA PHE B 47 20.85 7.17 17.27
C PHE B 47 22.35 7.41 17.51
N LYS B 48 23.22 6.53 16.98
CA LYS B 48 24.68 6.64 17.10
C LYS B 48 25.25 7.92 16.50
N GLY B 49 24.84 8.22 15.25
CA GLY B 49 25.28 9.44 14.58
C GLY B 49 24.84 10.69 15.31
N TYR B 50 23.59 10.69 15.80
CA TYR B 50 23.02 11.81 16.52
C TYR B 50 23.89 12.14 17.76
N ASN B 51 24.17 11.14 18.61
CA ASN B 51 24.96 11.30 19.81
C ASN B 51 26.37 11.83 19.52
N LYS B 52 27.05 11.30 18.49
CA LYS B 52 28.40 11.73 18.06
C LYS B 52 28.37 13.16 17.52
N THR B 53 27.46 13.47 16.60
CA THR B 53 27.27 14.81 16.03
C THR B 53 27.06 15.89 17.10
N PHE B 54 26.10 15.67 18.00
CA PHE B 54 25.77 16.68 19.00
C PHE B 54 26.81 16.77 20.11
N GLN B 55 27.55 15.69 20.44
CA GLN B 55 28.65 15.76 21.42
C GLN B 55 29.75 16.65 20.86
N GLU B 56 30.12 16.43 19.58
CA GLU B 56 31.14 17.19 18.88
C GLU B 56 30.72 18.65 18.70
N LEU B 57 29.48 18.91 18.25
CA LEU B 57 28.95 20.27 18.08
C LEU B 57 28.87 21.06 19.39
N HIS B 58 28.52 20.40 20.51
CA HIS B 58 28.44 21.09 21.80
C HIS B 58 29.82 21.46 22.32
N GLN B 59 30.83 20.63 22.02
CA GLN B 59 32.24 20.88 22.34
C GLN B 59 32.73 22.11 21.54
N LEU B 60 32.38 22.20 20.23
CA LEU B 60 32.75 23.32 19.32
C LEU B 60 32.10 24.61 19.78
N SER B 61 30.84 24.51 20.26
CA SER B 61 30.07 25.64 20.80
C SER B 61 30.82 26.28 21.99
N LYS B 62 31.40 25.46 22.90
CA LYS B 62 32.19 25.90 24.06
C LYS B 62 33.48 26.63 23.63
N THR B 63 34.22 26.11 22.64
CA THR B 63 35.44 26.75 22.13
C THR B 63 35.08 28.01 21.34
N PHE B 64 33.97 27.97 20.56
CA PHE B 64 33.54 29.13 19.78
C PHE B 64 33.08 30.27 20.70
N ALA B 65 32.38 29.96 21.81
CA ALA B 65 31.91 30.94 22.81
C ALA B 65 31.19 32.13 22.16
N ASN B 66 30.23 31.81 21.32
CA ASN B 66 29.40 32.77 20.60
C ASN B 66 27.92 32.41 20.88
N ASN B 67 27.15 33.39 21.37
CA ASN B 67 25.75 33.21 21.71
C ASN B 67 24.87 32.85 20.52
N GLN B 68 25.09 33.50 19.36
CA GLN B 68 24.33 33.20 18.16
C GLN B 68 24.57 31.77 17.64
N PHE B 69 25.84 31.27 17.77
CA PHE B 69 26.20 29.91 17.42
C PHE B 69 25.47 28.93 18.33
N ARG B 70 25.43 29.24 19.65
CA ARG B 70 24.75 28.47 20.69
C ARG B 70 23.25 28.31 20.33
N LEU B 71 22.60 29.43 19.96
CA LEU B 71 21.19 29.44 19.58
C LEU B 71 20.91 28.73 18.26
N ALA B 72 21.84 28.83 17.30
CA ALA B 72 21.73 28.14 16.02
C ALA B 72 21.81 26.64 16.27
N LEU B 73 22.74 26.22 17.17
CA LEU B 73 22.91 24.80 17.53
C LEU B 73 21.68 24.24 18.22
N SER B 74 21.07 25.04 19.08
CA SER B 74 19.87 24.67 19.84
C SER B 74 18.74 24.37 18.88
N ASN B 75 18.54 25.27 17.88
CA ASN B 75 17.53 25.11 16.83
C ASN B 75 17.82 23.92 15.91
N TYR B 76 19.08 23.74 15.52
CA TYR B 76 19.48 22.61 14.69
C TYR B 76 19.17 21.29 15.41
N GLN B 77 19.53 21.17 16.68
CA GLN B 77 19.25 19.96 17.48
C GLN B 77 17.74 19.64 17.60
N SER B 78 16.91 20.66 17.83
CA SER B 78 15.44 20.55 17.89
C SER B 78 14.89 20.02 16.56
N GLY B 79 15.47 20.47 15.43
CA GLY B 79 15.07 20.04 14.10
C GLY B 79 15.40 18.57 13.87
N VAL B 80 16.60 18.15 14.24
CA VAL B 80 17.02 16.74 14.13
C VAL B 80 16.14 15.86 15.07
N ASN B 81 15.85 16.35 16.30
CA ASN B 81 14.98 15.65 17.25
C ASN B 81 13.62 15.39 16.64
N THR B 82 13.03 16.41 16.00
CA THR B 82 11.73 16.33 15.32
C THR B 82 11.74 15.17 14.35
N ILE B 83 12.77 15.10 13.50
CA ILE B 83 12.94 14.07 12.50
C ILE B 83 13.04 12.69 13.14
N MET B 84 13.99 12.50 14.08
CA MET B 84 14.23 11.25 14.80
C MET B 84 12.95 10.73 15.49
N LYS B 85 12.21 11.62 16.17
CA LYS B 85 11.00 11.25 16.89
C LYS B 85 9.93 10.72 15.94
N ASN B 86 9.73 11.42 14.83
CA ASN B 86 8.80 11.03 13.78
C ASN B 86 9.18 9.69 13.15
N ARG B 87 10.43 9.51 12.76
CA ARG B 87 10.91 8.27 12.17
C ARG B 87 10.76 7.10 13.13
N ASP B 88 10.89 7.31 14.43
CA ASP B 88 10.66 6.28 15.43
C ASP B 88 9.14 6.00 15.50
N TRP B 89 8.28 7.05 15.51
CA TRP B 89 6.83 6.94 15.54
C TRP B 89 6.31 6.13 14.35
N VAL B 90 6.80 6.42 13.12
CA VAL B 90 6.40 5.73 11.91
C VAL B 90 6.69 4.24 11.99
N GLU B 91 7.90 3.85 12.44
CA GLU B 91 8.30 2.45 12.61
C GLU B 91 7.38 1.76 13.59
N GLN B 92 7.13 2.39 14.74
CA GLN B 92 6.25 1.89 15.77
C GLN B 92 4.79 1.75 15.29
N TYR B 93 4.27 2.75 14.59
CA TYR B 93 2.91 2.74 14.06
C TYR B 93 2.72 1.60 13.04
N ARG B 94 3.68 1.42 12.16
CA ARG B 94 3.66 0.37 11.14
C ARG B 94 3.69 -1.03 11.76
N LYS B 95 4.53 -1.22 12.81
CA LYS B 95 4.68 -2.46 13.59
C LYS B 95 3.36 -2.81 14.25
N GLU B 96 2.73 -1.83 14.92
CA GLU B 96 1.46 -2.04 15.59
C GLU B 96 0.35 -2.39 14.62
N GLU B 97 0.31 -1.73 13.45
CA GLU B 97 -0.71 -1.95 12.43
C GLU B 97 -0.54 -3.32 11.76
N ALA B 98 0.71 -3.75 11.57
CA ALA B 98 1.01 -5.05 10.97
C ALA B 98 0.79 -6.20 11.94
N GLU B 99 0.95 -5.97 13.29
CA GLU B 99 0.80 -7.04 14.27
C GLU B 99 -0.65 -7.32 14.66
N LYS B 100 -1.62 -6.49 14.26
CA LYS B 100 -3.05 -6.67 14.60
C LYS B 100 -3.68 -7.81 13.82
N LYS B 101 -4.55 -8.61 14.48
CA LYS B 101 -5.20 -9.76 13.87
C LYS B 101 -6.25 -9.44 12.79
N ARG B 102 -7.26 -8.57 13.09
CA ARG B 102 -8.39 -8.16 12.21
C ARG B 102 -9.13 -9.32 11.57
N LEU B 103 -9.85 -10.10 12.39
CA LEU B 103 -10.59 -11.27 11.93
C LEU B 103 -11.82 -10.86 11.11
N ASP B 104 -12.25 -9.58 11.26
CA ASP B 104 -13.39 -8.99 10.56
C ASP B 104 -13.02 -8.43 9.15
N GLU B 105 -11.71 -8.38 8.82
CA GLU B 105 -11.18 -8.01 7.52
C GLU B 105 -11.04 -9.35 6.78
N LYS B 106 -12.00 -9.63 5.90
CA LYS B 106 -12.02 -10.91 5.21
C LYS B 106 -11.69 -10.77 3.74
N TRP B 107 -11.81 -9.55 3.18
CA TRP B 107 -11.68 -9.35 1.76
C TRP B 107 -10.49 -8.55 1.36
N TYR B 108 -9.94 -8.87 0.18
CA TYR B 108 -8.82 -8.17 -0.41
C TYR B 108 -9.06 -6.66 -0.47
N TRP B 109 -10.20 -6.19 -0.96
CA TRP B 109 -10.48 -4.75 -1.04
C TRP B 109 -10.47 -4.04 0.32
N GLN B 110 -10.81 -4.76 1.41
CA GLN B 110 -10.75 -4.21 2.77
C GLN B 110 -9.32 -3.93 3.21
N LYS B 111 -8.39 -4.87 2.93
CA LYS B 111 -6.95 -4.75 3.22
C LYS B 111 -6.32 -3.61 2.40
N VAL B 112 -6.73 -3.44 1.12
CA VAL B 112 -6.26 -2.35 0.25
C VAL B 112 -6.69 -1.01 0.82
N ASP B 113 -7.98 -0.88 1.20
CA ASP B 113 -8.54 0.34 1.79
C ASP B 113 -7.85 0.69 3.09
N ARG B 114 -7.60 -0.33 3.95
CA ARG B 114 -6.93 -0.15 5.24
C ARG B 114 -5.50 0.35 5.06
N LYS B 115 -4.74 -0.28 4.13
CA LYS B 115 -3.36 0.12 3.83
C LYS B 115 -3.28 1.52 3.27
N ALA B 116 -4.28 1.94 2.47
CA ALA B 116 -4.37 3.30 1.93
C ALA B 116 -4.61 4.30 3.07
N ARG B 117 -5.45 3.94 4.08
CA ARG B 117 -5.69 4.81 5.24
C ARG B 117 -4.39 4.98 6.05
N GLU B 118 -3.68 3.86 6.32
CA GLU B 118 -2.45 3.84 7.09
C GLU B 118 -1.37 4.68 6.43
N GLU B 119 -1.27 4.58 5.12
CA GLU B 119 -0.31 5.35 4.33
C GLU B 119 -0.58 6.88 4.38
N ARG B 120 -1.84 7.26 4.39
CA ARG B 120 -2.34 8.62 4.50
C ARG B 120 -2.01 9.19 5.91
N VAL B 121 -2.13 8.38 6.99
CA VAL B 121 -1.79 8.74 8.38
C VAL B 121 -0.29 9.01 8.46
N VAL B 122 0.54 8.10 7.91
CA VAL B 122 1.99 8.21 7.86
C VAL B 122 2.43 9.45 7.12
N TYR B 123 1.88 9.69 5.94
CA TYR B 123 2.19 10.86 5.14
C TYR B 123 1.91 12.18 5.85
N ARG B 124 0.78 12.28 6.52
CA ARG B 124 0.37 13.48 7.24
C ARG B 124 1.32 13.80 8.40
N GLU B 125 1.74 12.77 9.13
CA GLU B 125 2.68 12.87 10.25
C GLU B 125 4.10 13.25 9.77
N LYS B 126 4.52 12.67 8.63
CA LYS B 126 5.82 12.95 8.00
C LYS B 126 5.92 14.38 7.51
N MET B 127 4.82 14.91 6.92
CA MET B 127 4.73 16.28 6.42
C MET B 127 4.81 17.28 7.56
N LYS B 128 4.07 17.02 8.64
CA LYS B 128 4.05 17.83 9.84
C LYS B 128 5.45 17.91 10.44
N ALA B 129 6.12 16.74 10.59
CA ALA B 129 7.45 16.66 11.15
C ALA B 129 8.46 17.42 10.29
N LYS B 130 8.35 17.28 8.95
CA LYS B 130 9.24 17.97 8.00
C LYS B 130 9.10 19.48 8.13
N GLN B 131 7.86 19.97 8.20
CA GLN B 131 7.61 21.41 8.30
C GLN B 131 8.20 21.95 9.57
N ASP B 132 7.96 21.28 10.69
CA ASP B 132 8.53 21.68 11.98
C ASP B 132 10.04 21.63 11.96
N ALA B 133 10.65 20.56 11.41
CA ALA B 133 12.11 20.42 11.31
C ALA B 133 12.71 21.52 10.46
N LEU B 134 12.09 21.82 9.28
CA LEU B 134 12.61 22.90 8.42
C LEU B 134 12.43 24.26 9.07
N ASN B 135 11.41 24.45 9.93
CA ASN B 135 11.27 25.73 10.64
C ASN B 135 12.42 25.91 11.62
N TYR B 136 12.83 24.83 12.32
CA TYR B 136 13.97 24.86 13.23
C TYR B 136 15.28 25.07 12.48
N PHE B 137 15.43 24.44 11.30
CA PHE B 137 16.65 24.61 10.46
C PHE B 137 16.74 26.03 9.96
N SER B 138 15.59 26.61 9.57
CA SER B 138 15.47 27.99 9.10
C SER B 138 15.92 28.96 10.20
N LYS B 139 15.46 28.72 11.45
CA LYS B 139 15.86 29.50 12.62
C LYS B 139 17.36 29.34 12.91
N ALA B 140 17.92 28.14 12.74
CA ALA B 140 19.36 27.90 12.94
C ALA B 140 20.14 28.79 11.97
N ILE B 141 19.75 28.82 10.68
CA ILE B 141 20.37 29.69 9.64
C ILE B 141 20.25 31.18 10.00
N ASN B 142 19.07 31.58 10.48
CA ASN B 142 18.79 32.94 10.92
C ASN B 142 19.76 33.39 12.03
N HIS B 143 20.06 32.49 13.00
CA HIS B 143 21.01 32.76 14.08
C HIS B 143 22.44 32.90 13.55
N LEU B 144 22.83 32.03 12.60
CA LEU B 144 24.16 32.11 11.96
C LEU B 144 24.28 33.39 11.12
N ASP B 145 23.15 33.85 10.55
CA ASP B 145 23.06 35.10 9.75
C ASP B 145 23.34 36.32 10.62
N GLU B 146 23.02 36.22 11.92
CA GLU B 146 23.23 37.25 12.93
C GLU B 146 24.72 37.37 13.34
N ILE B 147 25.57 36.38 12.98
CA ILE B 147 27.03 36.46 13.22
C ILE B 147 27.56 37.31 12.05
N LYS B 148 27.77 38.62 12.29
CA LYS B 148 28.18 39.59 11.27
C LYS B 148 29.69 39.70 11.07
N ASN B 149 30.48 39.42 12.13
CA ASN B 149 31.95 39.49 12.07
C ASN B 149 32.48 38.53 11.00
N PRO B 150 33.17 39.04 9.93
CA PRO B 150 33.69 38.14 8.89
C PRO B 150 34.71 37.13 9.36
N ASP B 151 35.46 37.44 10.44
CA ASP B 151 36.46 36.55 11.02
C ASP B 151 35.81 35.38 11.68
N LEU B 152 34.67 35.62 12.36
CA LEU B 152 33.91 34.57 13.00
C LEU B 152 33.23 33.67 11.98
N ARG B 153 32.78 34.23 10.83
CA ARG B 153 32.11 33.49 9.77
C ARG B 153 33.04 32.55 9.02
N GLU B 154 34.35 32.77 9.14
CA GLU B 154 35.39 31.99 8.50
C GLU B 154 35.86 30.86 9.40
N ARG B 155 35.41 30.86 10.67
CA ARG B 155 35.83 29.87 11.65
C ARG B 155 35.41 28.46 11.25
N PRO B 156 36.26 27.43 11.51
CA PRO B 156 35.86 26.06 11.15
C PRO B 156 34.56 25.60 11.84
N GLU B 157 34.33 26.07 13.10
CA GLU B 157 33.12 25.73 13.89
C GLU B 157 31.89 26.20 13.16
N PHE B 158 31.94 27.45 12.62
CA PHE B 158 30.86 28.11 11.88
C PHE B 158 30.49 27.29 10.64
N LYS B 159 31.50 27.01 9.80
CA LYS B 159 31.32 26.27 8.55
C LYS B 159 30.82 24.85 8.76
N ARG B 160 31.23 24.19 9.87
CA ARG B 160 30.81 22.83 10.22
C ARG B 160 29.31 22.84 10.56
N LEU B 161 28.85 23.76 11.44
CA LEU B 161 27.43 23.84 11.79
C LEU B 161 26.55 24.16 10.58
N LEU B 162 26.96 25.14 9.76
CA LEU B 162 26.27 25.55 8.54
C LEU B 162 26.09 24.35 7.60
N SER B 163 27.18 23.58 7.38
CA SER B 163 27.18 22.38 6.55
C SER B 163 26.19 21.34 7.06
N ASP B 164 26.16 21.11 8.39
CA ASP B 164 25.29 20.16 9.07
C ASP B 164 23.85 20.55 8.91
N VAL B 165 23.53 21.85 9.09
CA VAL B 165 22.15 22.35 8.94
C VAL B 165 21.63 22.14 7.50
N TYR B 166 22.39 22.60 6.51
CA TYR B 166 22.04 22.44 5.08
C TYR B 166 21.90 20.97 4.68
N ARG B 167 22.84 20.10 5.13
CA ARG B 167 22.80 18.67 4.83
C ARG B 167 21.56 18.01 5.38
N SER B 168 21.19 18.32 6.65
CA SER B 168 20.00 17.74 7.26
C SER B 168 18.73 18.20 6.55
N TRP B 169 18.70 19.48 6.14
CA TRP B 169 17.60 20.09 5.41
C TRP B 169 17.40 19.37 4.07
N ILE B 170 18.50 19.12 3.32
CA ILE B 170 18.50 18.41 2.04
C ILE B 170 17.94 17.01 2.22
N MET B 171 18.42 16.29 3.22
CA MET B 171 17.98 14.94 3.58
C MET B 171 16.51 14.86 3.96
N ALA B 172 16.00 15.82 4.74
CA ALA B 172 14.59 15.86 5.15
C ALA B 172 13.67 16.08 3.91
N GLU B 173 14.10 16.92 2.97
CA GLU B 173 13.35 17.16 1.74
C GLU B 173 13.43 15.95 0.82
N TYR B 174 14.63 15.38 0.66
CA TYR B 174 14.88 14.19 -0.16
C TYR B 174 14.02 13.01 0.31
N ASP B 175 13.93 12.79 1.65
CA ASP B 175 13.16 11.71 2.25
C ASP B 175 11.70 11.70 1.76
N LEU B 176 11.08 12.87 1.64
CA LEU B 176 9.70 13.02 1.20
C LEU B 176 9.55 13.29 -0.31
N GLN B 177 10.63 13.06 -1.08
CA GLN B 177 10.72 13.16 -2.53
C GLN B 177 10.64 14.61 -3.01
N ASN B 178 10.98 15.58 -2.16
CA ASN B 178 10.99 16.98 -2.56
C ASN B 178 12.38 17.28 -3.14
N LEU B 179 12.70 16.60 -4.26
CA LEU B 179 13.99 16.69 -4.94
C LEU B 179 14.24 18.07 -5.57
N PRO B 180 13.26 18.73 -6.23
CA PRO B 180 13.54 20.07 -6.78
C PRO B 180 13.95 21.07 -5.68
N GLN B 181 13.29 21.01 -4.52
CA GLN B 181 13.57 21.84 -3.34
C GLN B 181 14.99 21.65 -2.77
N THR B 182 15.64 20.50 -3.02
CA THR B 182 17.00 20.27 -2.54
C THR B 182 18.04 21.00 -3.36
N ILE B 183 17.73 21.31 -4.66
CA ILE B 183 18.66 21.97 -5.60
C ILE B 183 19.23 23.28 -5.01
N PRO B 184 18.43 24.31 -4.60
CA PRO B 184 19.05 25.52 -4.03
C PRO B 184 19.85 25.29 -2.72
N ILE B 185 19.40 24.33 -1.85
CA ILE B 185 20.09 23.99 -0.60
C ILE B 185 21.45 23.33 -0.89
N LEU B 186 21.50 22.39 -1.86
CA LEU B 186 22.71 21.68 -2.32
C LEU B 186 23.71 22.70 -2.93
N GLU B 187 23.20 23.68 -3.68
CA GLU B 187 24.02 24.73 -4.31
C GLU B 187 24.73 25.61 -3.29
N LEU B 188 24.03 25.94 -2.18
CA LEU B 188 24.56 26.71 -1.05
C LEU B 188 25.61 25.86 -0.32
N TYR B 189 25.30 24.57 -0.12
CA TYR B 189 26.15 23.60 0.56
C TYR B 189 27.52 23.45 -0.12
N ILE B 190 27.55 23.25 -1.46
CA ILE B 190 28.81 23.02 -2.19
C ILE B 190 29.71 24.30 -2.24
N GLU B 191 29.17 25.50 -1.92
CA GLU B 191 29.94 26.75 -1.86
C GLU B 191 30.83 26.80 -0.62
N ILE B 192 30.45 26.12 0.47
CA ILE B 192 31.17 26.13 1.76
C ILE B 192 32.49 25.37 1.65
N ASP B 193 33.60 26.01 2.12
CA ASP B 193 34.93 25.42 2.20
C ASP B 193 35.32 24.56 0.97
N ASP B 194 35.50 23.24 1.20
CA ASP B 194 35.85 22.24 0.20
C ASP B 194 34.71 21.26 -0.01
N ASN B 195 33.45 21.69 0.27
CA ASN B 195 32.25 20.86 0.12
C ASN B 195 32.01 20.44 -1.33
N GLU B 196 32.52 21.21 -2.33
CA GLU B 196 32.38 20.83 -3.75
C GLU B 196 33.13 19.50 -4.05
N LYS B 197 34.14 19.15 -3.24
CA LYS B 197 34.93 17.92 -3.43
C LYS B 197 34.26 16.68 -2.82
N GLU B 198 33.00 16.82 -2.36
CA GLU B 198 32.18 15.76 -1.77
C GLU B 198 31.32 15.07 -2.79
N TYR B 199 31.64 13.79 -3.06
CA TYR B 199 30.87 13.02 -4.02
C TYR B 199 29.39 12.92 -3.64
N PRO B 200 28.93 12.77 -2.36
CA PRO B 200 27.48 12.66 -2.14
C PRO B 200 26.67 13.90 -2.54
N ALA B 201 27.26 15.10 -2.36
CA ALA B 201 26.63 16.36 -2.73
C ALA B 201 26.31 16.38 -4.26
N HIS B 202 27.26 15.88 -5.08
CA HIS B 202 27.10 15.76 -6.52
C HIS B 202 26.12 14.66 -6.89
N LYS B 203 26.09 13.56 -6.11
CA LYS B 203 25.17 12.42 -6.28
C LYS B 203 23.69 12.88 -6.10
N TYR B 204 23.44 13.69 -5.06
CA TYR B 204 22.10 14.20 -4.76
C TYR B 204 21.66 15.29 -5.73
N LEU B 205 22.62 16.13 -6.19
CA LEU B 205 22.36 17.15 -7.21
C LEU B 205 21.98 16.50 -8.55
N ALA B 206 22.73 15.45 -8.96
CA ALA B 206 22.45 14.67 -10.19
C ALA B 206 21.03 14.09 -10.15
N SER B 207 20.67 13.48 -9.00
CA SER B 207 19.41 12.86 -8.73
C SER B 207 18.24 13.87 -8.81
N ALA B 208 18.45 15.05 -8.19
CA ALA B 208 17.47 16.13 -8.19
C ALA B 208 17.26 16.71 -9.58
N TYR B 209 18.34 16.84 -10.39
CA TYR B 209 18.24 17.33 -11.78
C TYR B 209 17.55 16.30 -12.68
N SER B 210 17.80 15.01 -12.41
CA SER B 210 17.17 13.88 -13.11
C SER B 210 15.65 13.91 -12.92
N PHE B 211 15.22 14.18 -11.69
CA PHE B 211 13.82 14.30 -11.30
C PHE B 211 13.15 15.45 -12.09
N GLU B 212 13.84 16.59 -12.22
CA GLU B 212 13.38 17.77 -12.93
C GLU B 212 13.26 17.51 -14.42
N GLU B 213 14.22 16.74 -14.98
CA GLU B 213 14.25 16.34 -16.39
C GLU B 213 13.03 15.45 -16.66
N ASN B 214 12.78 14.48 -15.77
CA ASN B 214 11.64 13.56 -15.84
C ASN B 214 10.31 14.29 -15.66
N MET B 215 10.27 15.35 -14.84
CA MET B 215 9.08 16.17 -14.65
C MET B 215 8.74 16.94 -15.92
N ILE B 216 9.78 17.44 -16.68
CA ILE B 216 9.60 18.14 -17.96
C ILE B 216 9.02 17.15 -18.99
N LYS B 217 9.62 15.93 -19.12
CA LYS B 217 9.17 14.86 -20.00
C LYS B 217 7.71 14.49 -19.72
N LYS B 218 7.34 14.36 -18.42
CA LYS B 218 5.99 13.96 -18.02
C LYS B 218 4.90 15.03 -18.19
N THR B 219 5.26 16.31 -18.02
CA THR B 219 4.31 17.44 -18.19
C THR B 219 4.43 17.98 -19.62
N LYS B 220 3.80 19.12 -19.98
CA LYS B 220 3.95 19.70 -21.33
C LYS B 220 5.07 20.77 -21.35
N GLY B 221 6.19 20.43 -20.69
CA GLY B 221 7.37 21.26 -20.47
C GLY B 221 8.22 21.63 -21.66
N PRO B 222 8.86 22.84 -21.62
CA PRO B 222 9.69 23.25 -22.76
C PRO B 222 11.01 22.49 -22.90
N ASP B 223 11.39 22.25 -24.17
CA ASP B 223 12.56 21.48 -24.56
C ASP B 223 13.88 22.10 -24.09
N ASP B 224 13.95 23.45 -24.05
CA ASP B 224 15.15 24.15 -23.55
C ASP B 224 15.43 23.75 -22.10
N MET B 225 14.35 23.58 -21.29
CA MET B 225 14.42 23.16 -19.89
C MET B 225 14.84 21.70 -19.75
N LEU B 226 14.30 20.81 -20.60
CA LEU B 226 14.62 19.37 -20.63
C LEU B 226 16.12 19.16 -20.78
N PHE B 227 16.71 19.81 -21.79
CA PHE B 227 18.12 19.73 -22.14
C PHE B 227 19.01 20.32 -21.06
N LYS B 228 18.56 21.44 -20.44
CA LYS B 228 19.25 22.13 -19.33
C LYS B 228 19.42 21.17 -18.17
N TYR B 229 18.30 20.54 -17.74
CA TYR B 229 18.24 19.60 -16.63
C TYR B 229 19.03 18.33 -16.89
N ARG B 230 18.94 17.78 -18.12
CA ARG B 230 19.71 16.60 -18.53
C ARG B 230 21.23 16.86 -18.46
N TYR B 231 21.64 18.05 -18.93
CA TYR B 231 23.03 18.47 -18.93
C TYR B 231 23.58 18.58 -17.51
N LYS B 232 22.84 19.28 -16.63
CA LYS B 232 23.19 19.48 -15.23
C LYS B 232 23.26 18.17 -14.48
N LYS B 233 22.31 17.24 -14.76
CA LYS B 233 22.31 15.91 -14.19
C LYS B 233 23.63 15.20 -14.54
N ASN B 234 24.01 15.20 -15.82
CA ASN B 234 25.21 14.57 -16.33
C ASN B 234 26.49 15.18 -15.80
N VAL B 235 26.54 16.52 -15.65
CA VAL B 235 27.69 17.24 -15.08
C VAL B 235 27.95 16.76 -13.66
N HIS B 236 26.91 16.68 -12.83
CA HIS B 236 27.05 16.24 -11.43
C HIS B 236 27.24 14.74 -11.31
N LEU B 237 26.62 13.94 -12.20
CA LEU B 237 26.81 12.48 -12.23
C LEU B 237 28.28 12.16 -12.54
N LEU B 238 28.86 12.87 -13.51
CA LEU B 238 30.25 12.72 -13.92
C LEU B 238 31.21 13.17 -12.81
N ARG B 239 30.91 14.31 -12.17
CA ARG B 239 31.73 14.86 -11.08
C ARG B 239 31.71 13.92 -9.87
N ALA B 240 30.54 13.35 -9.52
CA ALA B 240 30.41 12.39 -8.40
C ALA B 240 31.32 11.18 -8.64
N THR B 241 31.27 10.64 -9.87
CA THR B 241 32.06 9.50 -10.32
C THR B 241 33.55 9.80 -10.26
N GLU B 242 33.96 10.96 -10.79
CA GLU B 242 35.34 11.42 -10.79
C GLU B 242 35.88 11.53 -9.35
N LEU B 243 35.05 12.07 -8.45
CA LEU B 243 35.38 12.29 -7.04
C LEU B 243 35.68 11.02 -6.25
N LYS B 244 34.84 9.98 -6.38
CA LYS B 244 35.08 8.76 -5.62
C LYS B 244 35.94 7.72 -6.33
N TYR B 245 35.90 7.65 -7.68
CA TYR B 245 36.70 6.65 -8.39
C TYR B 245 37.96 7.20 -9.06
N GLY B 246 38.02 8.50 -9.28
CA GLY B 246 39.15 9.15 -9.93
C GLY B 246 38.97 9.26 -11.43
N LYS B 247 39.59 10.28 -12.05
CA LYS B 247 39.53 10.49 -13.49
C LYS B 247 40.34 9.41 -14.19
N ASP B 248 39.83 8.91 -15.33
CA ASP B 248 40.45 7.86 -16.18
C ASP B 248 40.54 6.49 -15.45
N SER B 249 39.53 6.19 -14.62
CA SER B 249 39.35 4.94 -13.89
C SER B 249 38.29 4.13 -14.67
N PRO B 250 38.11 2.79 -14.46
CA PRO B 250 37.07 2.07 -15.24
C PRO B 250 35.65 2.64 -15.07
N GLU B 251 35.35 3.17 -13.88
CA GLU B 251 34.04 3.74 -13.55
C GLU B 251 33.79 5.11 -14.21
N TYR B 252 34.80 6.01 -14.24
CA TYR B 252 34.72 7.33 -14.88
C TYR B 252 34.54 7.17 -16.40
N LYS B 253 35.37 6.30 -17.03
CA LYS B 253 35.31 6.00 -18.46
C LYS B 253 33.94 5.42 -18.88
N HIS B 254 33.34 4.56 -18.00
CA HIS B 254 32.03 3.98 -18.24
C HIS B 254 30.94 5.04 -18.26
N ILE B 255 30.84 5.91 -17.22
CA ILE B 255 29.82 6.96 -17.16
C ILE B 255 29.94 7.95 -18.35
N VAL B 256 31.17 8.22 -18.85
CA VAL B 256 31.39 9.05 -20.04
C VAL B 256 30.66 8.40 -21.26
N ASN B 257 30.77 7.07 -21.40
CA ASN B 257 30.13 6.29 -22.48
C ASN B 257 28.58 6.30 -22.40
N VAL B 258 27.99 6.21 -21.19
CA VAL B 258 26.54 6.27 -20.99
C VAL B 258 25.99 7.65 -21.42
N ILE B 259 26.72 8.76 -21.11
CA ILE B 259 26.34 10.14 -21.48
C ILE B 259 26.39 10.31 -23.01
N ASN B 260 27.41 9.71 -23.67
CA ASN B 260 27.57 9.74 -25.13
C ASN B 260 26.57 8.81 -25.83
C1 GOL C . -7.66 -11.41 1.00
O1 GOL C . -8.60 -12.21 0.28
C2 GOL C . -8.14 -11.00 2.36
O2 GOL C . -8.06 -12.10 3.29
C3 GOL C . -7.26 -9.88 2.87
O3 GOL C . -7.52 -9.61 4.24
I IOD D . -11.41 -8.79 -11.98
I IOD E . -22.25 -14.39 7.22
I IOD F . -37.34 1.33 0.27
I IOD G . -4.12 -10.08 0.59
I IOD G . -4.99 -12.82 -0.59
I IOD H . -34.69 9.30 -15.30
I IOD I . -7.50 -23.20 8.04
I IOD J . -26.36 9.63 -19.11
I IOD K . -14.14 -24.78 0.13
I IOD L . -18.66 -41.75 -13.39
I IOD M . -33.74 -40.01 -8.95
I IOD N . -2.19 -24.46 -1.60
I IOD O . -33.77 -4.37 -10.02
I IOD P . -26.38 -34.20 -0.17
I IOD Q . 13.47 4.17 5.43
I IOD R . -28.85 -37.30 -18.04
I IOD R . -25.93 -37.13 -17.82
I IOD S . -26.31 -3.26 3.66
C1 GOL T . 22.88 10.99 12.32
O1 GOL T . 23.51 10.09 11.42
C2 GOL T . 23.30 12.41 12.05
O2 GOL T . 23.12 12.71 10.65
C3 GOL T . 22.50 13.36 12.92
O3 GOL T . 22.75 14.71 12.54
C1 PEG U . 18.33 11.03 21.74
O1 PEG U . 19.63 10.48 21.99
C2 PEG U . 17.92 10.93 20.28
O2 PEG U . 16.75 11.73 20.02
C3 PEG U . 15.76 11.02 19.29
C4 PEG U . 14.40 11.11 19.93
O4 PEG U . 13.55 10.06 19.46
C1 GOL V . 19.62 14.44 8.91
O1 GOL V . 20.18 14.84 10.17
C2 GOL V . 18.12 14.67 8.84
O2 GOL V . 17.70 14.90 7.49
C3 GOL V . 17.50 15.72 9.74
O3 GOL V . 17.73 15.39 11.10
C1 GOL W . -1.48 10.36 1.53
O1 GOL W . -1.05 10.01 0.22
C2 GOL W . -2.44 11.52 1.54
O2 GOL W . -2.01 12.55 0.64
C3 GOL W . -2.53 12.10 2.94
O3 GOL W . -3.50 13.14 3.01
I IOD X . 8.15 4.30 6.02
I IOD Y . 26.35 8.94 -0.57
I IOD Z . 21.34 10.31 -11.39
I IOD AA . 35.77 22.38 13.44
I IOD BA . 29.30 39.03 15.65
I IOD CA . -9.81 -3.85 -4.89
I IOD DA . -0.91 -6.17 7.56
I IOD EA . 29.97 5.99 18.05
I IOD FA . 23.97 25.42 -17.39
I IOD GA . 28.11 30.43 24.55
I IOD HA . 9.83 6.89 7.67
I IOD IA . 24.27 15.90 -21.80
I IOD JA . 6.02 10.26 -1.61
C TRS KA . 2.68 5.22 18.86
C1 TRS KA . 2.86 4.73 17.42
C2 TRS KA . 3.97 5.90 19.36
C3 TRS KA . 1.49 6.18 19.02
N TRS KA . 2.44 4.01 19.73
O1 TRS KA . 1.71 4.03 16.96
O2 TRS KA . 5.14 5.11 19.20
O3 TRS KA . 0.39 5.89 18.16
C TRS LA . -0.96 10.07 16.43
C1 TRS LA . -1.49 11.41 16.97
C2 TRS LA . -1.71 9.61 15.18
C3 TRS LA . -1.01 8.98 17.51
N TRS LA . 0.48 10.27 16.06
O1 TRS LA . -2.90 11.40 17.17
O2 TRS LA . -1.71 10.60 14.15
O3 TRS LA . -0.11 9.22 18.59
C TRS MA . 32.25 19.49 7.02
C1 TRS MA . 31.76 18.64 5.84
C2 TRS MA . 31.57 19.03 8.32
C3 TRS MA . 33.78 19.42 7.14
N TRS MA . 31.87 20.93 6.76
O1 TRS MA . 31.06 19.39 4.87
O2 TRS MA . 30.17 19.29 8.35
O3 TRS MA . 34.25 20.28 8.18
#